data_6G7Z
#
_entry.id   6G7Z
#
_cell.length_a   59.945
_cell.length_b   88.791
_cell.length_c   110.038
_cell.angle_alpha   90.000
_cell.angle_beta   90.000
_cell.angle_gamma   90.000
#
_symmetry.space_group_name_H-M   'P 21 21 21'
#
loop_
_entity.id
_entity.type
_entity.pdbx_description
1 polymer 'Lariat-capping ribozyme'
2 polymer 'Lariat-capping ribozyme'
3 non-polymer 'MAGNESIUM ION'
4 non-polymer '2-(N-MORPHOLINO)-ETHANESULFONIC ACID'
5 water water
#
loop_
_entity_poly.entity_id
_entity_poly.type
_entity_poly.pdbx_seq_one_letter_code
_entity_poly.pdbx_strand_id
1 'polyribonucleotide'
;CAUCCGGUAUCCCAAGACAUCUUCGGGUGGGUUGGGAAGUAUCAUGGCUAAUCACCAUGAUGCAAUCGGGUUGAACACUU
AAUUGGGUUAAAACGGUGGGGGACGAUCCCGUAACAUCCGUCCUAACGGCGA
;
A
2 'polyribonucleotide' GACUGCACGGCCCUGCCUCAGGUGUGUUCAAUGAACAGUCGUUCCGAAAGGAAG B
#